data_3C0U
#
_entry.id   3C0U
#
_cell.length_a   127.277
_cell.length_b   127.277
_cell.length_c   72.059
_cell.angle_alpha   90.00
_cell.angle_beta   90.00
_cell.angle_gamma   90.00
#
_symmetry.space_group_name_H-M   'P 4 21 2'
#
loop_
_entity.id
_entity.type
_entity.pdbx_description
1 polymer 'Uncharacterized protein yaeQ'
2 non-polymer 'SULFATE ION'
3 non-polymer 'CHLORIDE ION'
4 water water
#
_entity_poly.entity_id   1
_entity_poly.type   'polypeptide(L)'
_entity_poly.pdbx_seq_one_letter_code
;QGHALKATIYKATVNVADLDRNQFLDASLTLARHPSETQER(MSE)(MSE)LRLLAWLKYADERLQFTRGLCADDEPEAW
LRNDHLGIDLWIELGLPDERRIKKACTQAAEVALFTYNSRAAQIWWQQNQSKCVQFANLSVWYLDDEQLAKVSAFADRT
(MSE)TLQATIQDGVIWLSDDKNNLEVNLTAWQQPS
;
_entity_poly.pdbx_strand_id   A,B
#
loop_
_chem_comp.id
_chem_comp.type
_chem_comp.name
_chem_comp.formula
CL non-polymer 'CHLORIDE ION' 'Cl -1'
SO4 non-polymer 'SULFATE ION' 'O4 S -2'
#
# COMPACT_ATOMS: atom_id res chain seq x y z
N GLY A 2 21.49 -30.04 -11.33
CA GLY A 2 20.43 -30.83 -12.02
C GLY A 2 19.70 -30.05 -13.09
N HIS A 3 18.46 -30.44 -13.36
CA HIS A 3 17.59 -29.72 -14.29
C HIS A 3 17.35 -28.24 -13.86
N ALA A 4 16.99 -27.41 -14.83
CA ALA A 4 16.60 -26.00 -14.61
C ALA A 4 15.76 -25.56 -15.79
N LEU A 5 14.95 -24.54 -15.58
CA LEU A 5 14.15 -24.00 -16.67
C LEU A 5 14.93 -22.86 -17.37
N LYS A 6 14.88 -22.85 -18.69
CA LYS A 6 15.32 -21.70 -19.48
C LYS A 6 14.14 -20.72 -19.45
N ALA A 7 14.37 -19.54 -18.88
CA ALA A 7 13.30 -18.56 -18.66
C ALA A 7 13.86 -17.20 -18.30
N THR A 8 13.02 -16.16 -18.42
CA THR A 8 13.36 -14.81 -18.00
C THR A 8 12.82 -14.58 -16.59
N ILE A 9 13.66 -14.02 -15.72
CA ILE A 9 13.28 -13.82 -14.31
C ILE A 9 12.75 -12.41 -14.06
N TYR A 10 11.57 -12.32 -13.47
CA TYR A 10 10.98 -11.03 -13.11
C TYR A 10 10.84 -11.03 -11.60
N LYS A 11 11.14 -9.89 -10.99
CA LYS A 11 10.96 -9.71 -9.54
C LYS A 11 9.88 -8.65 -9.31
N ALA A 12 9.05 -8.88 -8.31
CA ALA A 12 8.02 -7.94 -7.91
C ALA A 12 7.96 -7.82 -6.40
N THR A 13 8.17 -6.61 -5.93
CA THR A 13 7.92 -6.26 -4.55
C THR A 13 6.48 -5.79 -4.56
N VAL A 14 5.63 -6.47 -3.80
CA VAL A 14 4.22 -6.16 -3.80
C VAL A 14 3.70 -5.84 -2.40
N ASN A 15 2.82 -4.84 -2.32
CA ASN A 15 2.03 -4.61 -1.11
C ASN A 15 0.57 -4.80 -1.47
N VAL A 16 -0.12 -5.60 -0.66
CA VAL A 16 -1.53 -5.90 -0.90
C VAL A 16 -2.35 -5.50 0.31
N ALA A 17 -3.33 -4.65 0.08
CA ALA A 17 -4.31 -4.35 1.10
C ALA A 17 -5.68 -4.80 0.60
N ASP A 18 -6.11 -5.96 1.07
CA ASP A 18 -7.44 -6.49 0.75
C ASP A 18 -8.39 -6.04 1.87
N LEU A 19 -9.24 -5.07 1.54
CA LEU A 19 -10.12 -4.47 2.52
C LEU A 19 -11.42 -5.27 2.69
N ASP A 20 -11.70 -6.15 1.74
CA ASP A 20 -12.82 -7.08 1.85
C ASP A 20 -12.47 -8.20 2.82
N ARG A 21 -11.27 -8.75 2.67
CA ARG A 21 -10.76 -9.83 3.51
C ARG A 21 -10.12 -9.36 4.82
N ASN A 22 -9.71 -8.10 4.87
CA ASN A 22 -8.76 -7.58 5.89
C ASN A 22 -7.46 -8.35 5.87
N GLN A 23 -6.91 -8.49 4.67
CA GLN A 23 -5.66 -9.17 4.42
C GLN A 23 -4.62 -8.11 4.05
N PHE A 24 -3.58 -8.00 4.86
CA PHE A 24 -2.52 -7.03 4.62
C PHE A 24 -1.20 -7.75 4.59
N LEU A 25 -0.48 -7.56 3.49
CA LEU A 25 0.69 -8.36 3.23
C LEU A 25 1.73 -7.65 2.37
N ASP A 26 3.00 -7.92 2.69
CA ASP A 26 4.13 -7.58 1.86
C ASP A 26 4.77 -8.86 1.40
N ALA A 27 5.18 -8.89 0.14
CA ALA A 27 5.85 -10.07 -0.39
C ALA A 27 6.79 -9.66 -1.50
N SER A 28 7.84 -10.45 -1.70
CA SER A 28 8.66 -10.27 -2.86
C SER A 28 8.54 -11.52 -3.76
N LEU A 29 7.91 -11.34 -4.91
CA LEU A 29 7.61 -12.45 -5.79
C LEU A 29 8.67 -12.66 -6.85
N THR A 30 8.86 -13.91 -7.27
CA THR A 30 9.73 -14.24 -8.37
C THR A 30 8.92 -15.01 -9.38
N LEU A 31 8.91 -14.51 -10.61
CA LEU A 31 8.24 -15.18 -11.71
C LEU A 31 9.27 -15.63 -12.74
N ALA A 32 9.16 -16.88 -13.16
CA ALA A 32 9.99 -17.41 -14.22
C ALA A 32 9.13 -17.54 -15.46
N ARG A 33 9.45 -16.79 -16.50
CA ARG A 33 8.70 -16.81 -17.74
C ARG A 33 9.47 -17.56 -18.81
N HIS A 34 8.90 -18.67 -19.27
CA HIS A 34 9.47 -19.51 -20.33
C HIS A 34 9.14 -18.85 -21.67
N PRO A 35 9.97 -19.05 -22.70
CA PRO A 35 9.62 -18.43 -23.99
C PRO A 35 8.21 -18.69 -24.51
N SER A 36 7.58 -19.78 -24.07
CA SER A 36 6.18 -20.10 -24.46
C SER A 36 5.12 -19.22 -23.81
N GLU A 37 5.47 -18.50 -22.76
CA GLU A 37 4.51 -17.67 -22.04
C GLU A 37 4.52 -16.23 -22.54
N THR A 38 3.35 -15.72 -22.93
CA THR A 38 3.23 -14.33 -23.34
C THR A 38 3.29 -13.43 -22.11
N GLN A 39 3.64 -12.16 -22.30
CA GLN A 39 3.64 -11.19 -21.22
C GLN A 39 2.30 -11.12 -20.48
N GLU A 40 1.20 -11.13 -21.23
CA GLU A 40 -0.14 -11.04 -20.68
C GLU A 40 -0.41 -12.16 -19.70
N ARG A 41 -0.13 -13.38 -20.12
CA ARG A 41 -0.44 -14.54 -19.31
C ARG A 41 0.36 -14.47 -18.02
N MSE A 42 1.58 -13.97 -18.12
CA MSE A 42 2.40 -13.83 -16.93
C MSE A 42 1.79 -12.81 -15.97
O MSE A 42 1.76 -13.02 -14.75
CB MSE A 42 3.81 -13.44 -17.29
CG MSE A 42 4.74 -13.60 -16.11
SE MSE A 42 6.26 -12.36 -16.18
CE MSE A 42 5.30 -10.68 -16.46
N MSE A 43 1.30 -11.70 -16.52
CA MSE A 43 0.77 -10.64 -15.70
C MSE A 43 -0.57 -11.06 -15.12
O MSE A 43 -0.92 -10.67 -14.01
CB MSE A 43 0.68 -9.34 -16.50
CG MSE A 43 2.04 -8.71 -16.75
SE MSE A 43 3.16 -8.42 -15.14
CE MSE A 43 2.08 -7.12 -14.13
N LEU A 44 -1.29 -11.90 -15.87
CA LEU A 44 -2.50 -12.51 -15.34
C LEU A 44 -2.20 -13.41 -14.14
N ARG A 45 -1.14 -14.24 -14.23
CA ARG A 45 -0.60 -14.99 -13.10
C ARG A 45 -0.38 -14.10 -11.89
N LEU A 46 0.35 -13.01 -12.11
CA LEU A 46 0.66 -12.08 -11.05
C LEU A 46 -0.62 -11.52 -10.47
N LEU A 47 -1.54 -11.10 -11.34
CA LEU A 47 -2.82 -10.57 -10.89
C LEU A 47 -3.53 -11.62 -10.05
N ALA A 48 -3.56 -12.86 -10.56
CA ALA A 48 -4.14 -13.98 -9.84
C ALA A 48 -3.58 -14.03 -8.43
N TRP A 49 -2.25 -14.01 -8.32
CA TRP A 49 -1.60 -14.08 -7.02
C TRP A 49 -2.10 -12.93 -6.12
N LEU A 50 -2.19 -11.72 -6.67
CA LEU A 50 -2.60 -10.57 -5.88
C LEU A 50 -4.02 -10.74 -5.33
N LYS A 51 -4.90 -11.32 -6.14
CA LYS A 51 -6.26 -11.54 -5.72
C LYS A 51 -6.33 -12.50 -4.52
N TYR A 52 -5.51 -13.56 -4.56
CA TYR A 52 -5.47 -14.54 -3.49
C TYR A 52 -4.21 -14.41 -2.63
N ALA A 53 -3.64 -13.21 -2.54
CA ALA A 53 -2.40 -12.98 -1.82
C ALA A 53 -2.35 -13.78 -0.52
N ASP A 54 -1.26 -14.53 -0.33
CA ASP A 54 -1.01 -15.22 0.93
C ASP A 54 0.48 -15.50 1.01
N GLU A 55 1.01 -15.52 2.23
CA GLU A 55 2.42 -15.85 2.48
C GLU A 55 2.77 -17.22 1.92
N ARG A 56 1.81 -18.15 1.98
CA ARG A 56 2.03 -19.53 1.59
C ARG A 56 1.75 -19.80 0.11
N LEU A 57 1.12 -18.85 -0.58
CA LEU A 57 0.76 -19.03 -1.98
C LEU A 57 2.00 -18.91 -2.89
N GLN A 58 2.31 -19.98 -3.60
CA GLN A 58 3.53 -20.06 -4.42
C GLN A 58 3.22 -20.38 -5.87
N PHE A 59 4.01 -19.83 -6.78
CA PHE A 59 3.98 -20.28 -8.17
C PHE A 59 4.69 -21.62 -8.26
N THR A 60 4.49 -22.31 -9.38
CA THR A 60 5.15 -23.58 -9.62
C THR A 60 4.98 -24.12 -11.05
N ARG A 61 6.00 -24.87 -11.50
CA ARG A 61 6.00 -25.59 -12.78
C ARG A 61 6.97 -26.77 -12.70
N ASP A 66 4.88 -29.62 -17.84
CA ASP A 66 4.26 -30.62 -16.97
C ASP A 66 2.82 -30.22 -16.60
N ASP A 67 2.30 -30.72 -15.46
CA ASP A 67 0.88 -30.70 -15.19
C ASP A 67 0.48 -30.08 -13.84
N GLU A 68 1.24 -29.10 -13.36
CA GLU A 68 0.93 -28.51 -12.07
C GLU A 68 0.07 -27.28 -12.24
N PRO A 69 -0.59 -26.82 -11.16
CA PRO A 69 -1.30 -25.54 -11.27
C PRO A 69 -0.35 -24.40 -11.57
N GLU A 70 -0.87 -23.23 -11.90
CA GLU A 70 -0.03 -22.05 -12.02
C GLU A 70 0.52 -21.65 -10.65
N ALA A 71 -0.30 -21.81 -9.63
CA ALA A 71 0.06 -21.52 -8.27
C ALA A 71 -0.80 -22.38 -7.34
N TRP A 72 -0.27 -22.73 -6.18
CA TRP A 72 -1.06 -23.36 -5.12
C TRP A 72 -0.67 -22.93 -3.71
N LEU A 73 -1.63 -23.02 -2.81
CA LEU A 73 -1.41 -22.79 -1.40
C LEU A 73 -1.58 -24.12 -0.69
N ARG A 74 -0.52 -24.60 -0.05
CA ARG A 74 -0.61 -25.85 0.69
C ARG A 74 -0.78 -25.62 2.20
N ASN A 75 -1.51 -26.51 2.86
CA ASN A 75 -1.75 -26.36 4.28
C ASN A 75 -0.72 -27.12 5.11
N ASP A 76 -0.88 -27.06 6.43
CA ASP A 76 0.06 -27.66 7.36
C ASP A 76 0.14 -29.17 7.22
N HIS A 77 -0.92 -29.78 6.69
CA HIS A 77 -0.97 -31.23 6.46
C HIS A 77 -0.64 -31.56 4.99
N LEU A 78 -0.01 -30.62 4.30
CA LEU A 78 0.55 -30.84 2.96
C LEU A 78 -0.50 -30.99 1.84
N GLY A 79 -1.76 -30.77 2.16
CA GLY A 79 -2.81 -30.79 1.15
C GLY A 79 -2.94 -29.45 0.47
N ILE A 80 -3.68 -29.42 -0.63
CA ILE A 80 -3.86 -28.20 -1.38
C ILE A 80 -5.13 -27.45 -0.93
N ASP A 81 -4.97 -26.25 -0.39
CA ASP A 81 -6.12 -25.40 -0.01
C ASP A 81 -6.63 -24.66 -1.23
N LEU A 82 -5.71 -24.11 -2.00
CA LEU A 82 -6.09 -23.36 -3.19
C LEU A 82 -5.25 -23.75 -4.40
N TRP A 83 -5.93 -23.99 -5.51
CA TRP A 83 -5.30 -24.33 -6.77
C TRP A 83 -5.70 -23.24 -7.76
N ILE A 84 -4.70 -22.56 -8.31
CA ILE A 84 -4.95 -21.49 -9.26
C ILE A 84 -4.54 -21.97 -10.63
N GLU A 85 -5.46 -21.83 -11.58
CA GLU A 85 -5.30 -22.31 -12.94
C GLU A 85 -5.58 -21.16 -13.90
N LEU A 86 -4.92 -21.18 -15.04
CA LEU A 86 -5.09 -20.18 -16.09
C LEU A 86 -5.46 -20.82 -17.43
N GLY A 87 -6.27 -20.10 -18.21
CA GLY A 87 -6.57 -20.53 -19.55
C GLY A 87 -7.92 -21.18 -19.63
N LEU A 88 -8.04 -22.16 -20.54
CA LEU A 88 -9.34 -22.76 -20.87
C LEU A 88 -9.27 -24.28 -20.84
N PRO A 89 -9.16 -24.87 -19.64
CA PRO A 89 -8.91 -26.30 -19.47
C PRO A 89 -10.06 -27.17 -19.92
N ASP A 90 -9.80 -28.46 -20.09
CA ASP A 90 -10.86 -29.35 -20.52
C ASP A 90 -11.46 -30.13 -19.33
N GLU A 91 -12.48 -30.92 -19.61
CA GLU A 91 -13.14 -31.74 -18.62
C GLU A 91 -12.17 -32.47 -17.66
N ARG A 92 -11.18 -33.19 -18.22
CA ARG A 92 -10.25 -33.96 -17.39
C ARG A 92 -9.32 -33.07 -16.56
N ARG A 93 -8.92 -31.93 -17.11
CA ARG A 93 -8.05 -31.03 -16.39
C ARG A 93 -8.74 -30.38 -15.20
N ILE A 94 -9.95 -29.87 -15.42
CA ILE A 94 -10.72 -29.26 -14.37
C ILE A 94 -11.00 -30.26 -13.28
N LYS A 95 -11.40 -31.49 -13.65
CA LYS A 95 -11.68 -32.54 -12.67
C LYS A 95 -10.44 -32.84 -11.83
N LYS A 96 -9.29 -32.88 -12.49
CA LYS A 96 -8.02 -33.08 -11.82
C LYS A 96 -7.85 -32.06 -10.70
N ALA A 97 -7.97 -30.77 -11.03
CA ALA A 97 -7.82 -29.69 -10.07
C ALA A 97 -8.87 -29.72 -8.95
N CYS A 98 -10.14 -29.74 -9.32
CA CYS A 98 -11.24 -29.73 -8.34
C CYS A 98 -11.22 -30.84 -7.27
N THR A 99 -10.88 -32.05 -7.67
CA THR A 99 -10.84 -33.20 -6.75
C THR A 99 -9.53 -33.25 -5.95
N GLN A 100 -8.49 -32.57 -6.42
CA GLN A 100 -7.24 -32.51 -5.68
C GLN A 100 -7.10 -31.32 -4.73
N ALA A 101 -8.03 -30.36 -4.80
CA ALA A 101 -7.89 -29.11 -4.03
C ALA A 101 -9.18 -28.71 -3.35
N ALA A 102 -9.06 -28.18 -2.13
CA ALA A 102 -10.21 -27.70 -1.40
C ALA A 102 -10.97 -26.62 -2.23
N GLU A 103 -10.23 -25.63 -2.76
CA GLU A 103 -10.80 -24.63 -3.64
C GLU A 103 -10.02 -24.49 -4.94
N VAL A 104 -10.73 -24.32 -6.05
CA VAL A 104 -10.07 -24.01 -7.31
C VAL A 104 -10.50 -22.65 -7.87
N ALA A 105 -9.54 -21.83 -8.24
CA ALA A 105 -9.81 -20.57 -8.91
C ALA A 105 -9.21 -20.60 -10.32
N LEU A 106 -10.08 -20.47 -11.32
CA LEU A 106 -9.67 -20.49 -12.71
C LEU A 106 -9.73 -19.10 -13.32
N PHE A 107 -8.64 -18.69 -13.96
CA PHE A 107 -8.62 -17.42 -14.70
C PHE A 107 -8.66 -17.64 -16.22
N THR A 108 -9.81 -17.37 -16.81
CA THR A 108 -10.00 -17.43 -18.26
C THR A 108 -9.70 -16.06 -18.87
N TYR A 109 -9.26 -16.00 -20.12
CA TYR A 109 -8.83 -14.70 -20.66
C TYR A 109 -8.94 -14.45 -22.16
N ASN A 110 -8.89 -15.49 -22.99
CA ASN A 110 -8.87 -15.18 -24.43
C ASN A 110 -10.27 -14.96 -25.03
N SER A 111 -10.74 -13.72 -25.02
CA SER A 111 -12.11 -13.36 -25.42
C SER A 111 -12.79 -14.26 -26.49
N ARG A 112 -12.30 -14.20 -27.72
CA ARG A 112 -12.81 -15.06 -28.79
C ARG A 112 -12.91 -16.52 -28.32
N ALA A 113 -11.79 -17.05 -27.83
CA ALA A 113 -11.71 -18.46 -27.43
C ALA A 113 -12.60 -18.81 -26.22
N ALA A 114 -12.66 -17.89 -25.26
CA ALA A 114 -13.33 -18.11 -23.97
C ALA A 114 -14.84 -18.26 -24.10
N GLN A 115 -15.45 -17.40 -24.90
CA GLN A 115 -16.90 -17.45 -25.14
C GLN A 115 -17.35 -18.81 -25.66
N ILE A 116 -16.70 -19.30 -26.71
CA ILE A 116 -16.94 -20.64 -27.25
C ILE A 116 -16.73 -21.75 -26.19
N TRP A 117 -15.65 -21.62 -25.42
CA TRP A 117 -15.31 -22.56 -24.36
C TRP A 117 -16.35 -22.54 -23.24
N TRP A 118 -16.86 -21.35 -22.92
CA TRP A 118 -17.82 -21.19 -21.85
C TRP A 118 -19.20 -21.69 -22.27
N GLN A 119 -19.54 -21.48 -23.54
CA GLN A 119 -20.80 -21.97 -24.09
C GLN A 119 -20.82 -23.50 -24.07
N GLN A 120 -19.66 -24.11 -24.31
CA GLN A 120 -19.55 -25.57 -24.39
C GLN A 120 -19.24 -26.24 -23.05
N ASN A 121 -18.99 -25.45 -22.00
CA ASN A 121 -18.57 -25.99 -20.71
C ASN A 121 -19.36 -25.49 -19.49
N GLN A 122 -20.00 -24.32 -19.58
CA GLN A 122 -20.73 -23.74 -18.44
C GLN A 122 -21.50 -24.78 -17.63
N SER A 123 -22.33 -25.57 -18.32
CA SER A 123 -23.17 -26.61 -17.71
C SER A 123 -22.39 -27.74 -17.01
N LYS A 124 -21.17 -28.01 -17.51
CA LYS A 124 -20.32 -29.05 -16.93
C LYS A 124 -19.48 -28.54 -15.75
N CYS A 125 -19.15 -27.25 -15.73
CA CYS A 125 -18.36 -26.65 -14.65
C CYS A 125 -19.19 -26.46 -13.39
N VAL A 126 -20.47 -26.18 -13.60
CA VAL A 126 -21.47 -26.09 -12.53
C VAL A 126 -21.54 -27.37 -11.67
N GLN A 127 -21.02 -28.48 -12.22
CA GLN A 127 -20.92 -29.75 -11.49
C GLN A 127 -19.91 -29.70 -10.33
N PHE A 128 -18.91 -28.82 -10.42
CA PHE A 128 -17.90 -28.77 -9.37
C PHE A 128 -18.23 -27.74 -8.31
N ALA A 129 -18.64 -28.22 -7.13
CA ALA A 129 -19.05 -27.35 -6.02
C ALA A 129 -17.99 -26.37 -5.47
N ASN A 130 -16.71 -26.62 -5.76
CA ASN A 130 -15.60 -25.82 -5.21
C ASN A 130 -14.82 -25.01 -6.26
N LEU A 131 -15.46 -24.70 -7.39
CA LEU A 131 -14.81 -24.03 -8.56
C LEU A 131 -15.23 -22.56 -8.73
N SER A 132 -14.24 -21.67 -8.81
CA SER A 132 -14.48 -20.28 -9.16
C SER A 132 -13.91 -20.03 -10.53
N VAL A 133 -14.66 -19.30 -11.36
CA VAL A 133 -14.20 -18.92 -12.70
C VAL A 133 -14.25 -17.41 -12.83
N TRP A 134 -13.09 -16.81 -13.09
CA TRP A 134 -12.98 -15.39 -13.36
C TRP A 134 -12.60 -15.17 -14.80
N TYR A 135 -13.12 -14.11 -15.41
CA TYR A 135 -12.75 -13.72 -16.75
C TYR A 135 -12.18 -12.32 -16.75
N LEU A 136 -11.21 -12.08 -17.61
CA LEU A 136 -10.66 -10.76 -17.79
C LEU A 136 -10.54 -10.47 -19.28
N ASP A 137 -11.30 -9.47 -19.75
CA ASP A 137 -11.41 -9.18 -21.18
C ASP A 137 -10.12 -8.63 -21.83
N ASP A 138 -10.10 -8.61 -23.16
CA ASP A 138 -8.91 -8.26 -23.92
C ASP A 138 -8.25 -6.93 -23.50
N GLU A 139 -9.06 -5.86 -23.45
CA GLU A 139 -8.57 -4.51 -23.14
C GLU A 139 -7.89 -4.46 -21.79
N GLN A 140 -8.61 -4.91 -20.77
CA GLN A 140 -8.09 -4.91 -19.41
C GLN A 140 -6.82 -5.74 -19.29
N LEU A 141 -6.81 -6.89 -19.96
CA LEU A 141 -5.63 -7.75 -19.98
C LEU A 141 -4.42 -7.02 -20.57
N ALA A 142 -4.65 -6.23 -21.62
CA ALA A 142 -3.58 -5.46 -22.23
C ALA A 142 -3.06 -4.37 -21.27
N LYS A 143 -3.98 -3.76 -20.53
CA LYS A 143 -3.63 -2.70 -19.59
C LYS A 143 -2.85 -3.24 -18.38
N VAL A 144 -3.33 -4.36 -17.82
CA VAL A 144 -2.61 -5.07 -16.77
C VAL A 144 -1.20 -5.42 -17.24
N SER A 145 -1.09 -5.85 -18.49
CA SER A 145 0.17 -6.32 -19.05
C SER A 145 1.20 -5.20 -19.18
N ALA A 146 0.72 -3.96 -19.31
CA ALA A 146 1.61 -2.81 -19.46
C ALA A 146 2.50 -2.60 -18.22
N PHE A 147 2.00 -3.01 -17.06
CA PHE A 147 2.74 -2.94 -15.80
C PHE A 147 3.99 -3.80 -15.77
N ALA A 148 4.16 -4.64 -16.79
CA ALA A 148 5.28 -5.58 -16.82
C ALA A 148 6.60 -4.86 -16.77
N ASP A 149 7.46 -5.31 -15.88
CA ASP A 149 8.82 -4.85 -15.87
C ASP A 149 9.68 -5.93 -15.26
N ARG A 150 10.94 -5.90 -15.65
CA ARG A 150 11.90 -6.86 -15.19
C ARG A 150 12.02 -6.77 -13.67
N THR A 151 12.03 -5.55 -13.16
CA THR A 151 11.89 -5.29 -11.72
C THR A 151 10.67 -4.42 -11.52
N MSE A 152 9.76 -4.87 -10.68
CA MSE A 152 8.49 -4.18 -10.45
C MSE A 152 8.26 -3.87 -8.98
O MSE A 152 8.63 -4.65 -8.11
CB MSE A 152 7.33 -5.04 -10.94
CG MSE A 152 7.20 -5.13 -12.42
SE MSE A 152 5.87 -6.51 -12.86
CE MSE A 152 6.92 -8.12 -12.45
N THR A 153 7.63 -2.73 -8.73
CA THR A 153 7.19 -2.36 -7.39
C THR A 153 5.72 -1.99 -7.45
N LEU A 154 4.88 -2.83 -6.87
CA LEU A 154 3.43 -2.68 -7.02
C LEU A 154 2.72 -2.59 -5.67
N GLN A 155 1.56 -1.95 -5.69
CA GLN A 155 0.65 -1.96 -4.56
C GLN A 155 -0.75 -2.25 -5.09
N ALA A 156 -1.45 -3.14 -4.40
CA ALA A 156 -2.78 -3.52 -4.79
C ALA A 156 -3.73 -3.34 -3.63
N THR A 157 -4.75 -2.50 -3.84
CA THR A 157 -5.85 -2.36 -2.89
C THR A 157 -7.11 -3.01 -3.45
N ILE A 158 -7.72 -3.89 -2.66
CA ILE A 158 -8.91 -4.60 -3.09
C ILE A 158 -10.12 -4.18 -2.25
N GLN A 159 -11.15 -3.68 -2.92
CA GLN A 159 -12.39 -3.30 -2.25
C GLN A 159 -13.58 -3.57 -3.16
N ASP A 160 -14.61 -4.20 -2.59
CA ASP A 160 -15.88 -4.49 -3.29
C ASP A 160 -15.70 -5.31 -4.58
N GLY A 161 -14.70 -6.19 -4.59
CA GLY A 161 -14.40 -6.99 -5.78
C GLY A 161 -13.50 -6.30 -6.79
N VAL A 162 -13.28 -5.00 -6.61
CA VAL A 162 -12.46 -4.20 -7.53
C VAL A 162 -11.00 -4.19 -7.08
N ILE A 163 -10.08 -4.40 -8.04
CA ILE A 163 -8.64 -4.37 -7.76
C ILE A 163 -7.95 -3.11 -8.29
N TRP A 164 -7.52 -2.26 -7.37
CA TRP A 164 -6.77 -1.05 -7.66
C TRP A 164 -5.28 -1.32 -7.71
N LEU A 165 -4.74 -1.28 -8.93
CA LEU A 165 -3.35 -1.66 -9.16
C LEU A 165 -2.52 -0.42 -9.49
N SER A 166 -1.39 -0.28 -8.79
CA SER A 166 -0.61 0.95 -8.82
C SER A 166 0.88 0.68 -8.82
N ASP A 167 1.61 1.49 -9.58
CA ASP A 167 3.06 1.57 -9.44
C ASP A 167 3.43 3.03 -9.23
N ASP A 168 4.72 3.36 -9.33
CA ASP A 168 5.16 4.75 -9.18
C ASP A 168 4.48 5.70 -10.17
N LYS A 169 4.16 5.17 -11.36
CA LYS A 169 3.79 5.99 -12.51
C LYS A 169 2.30 5.99 -12.86
N ASN A 170 1.63 4.86 -12.64
CA ASN A 170 0.25 4.69 -13.12
C ASN A 170 -0.71 4.01 -12.15
N ASN A 171 -1.99 4.12 -12.46
CA ASN A 171 -3.05 3.67 -11.57
C ASN A 171 -4.17 3.07 -12.42
N LEU A 172 -4.51 1.81 -12.15
CA LEU A 172 -5.46 1.08 -12.98
C LEU A 172 -6.53 0.37 -12.18
N GLU A 173 -7.77 0.62 -12.53
CA GLU A 173 -8.89 -0.12 -11.98
C GLU A 173 -9.02 -1.44 -12.76
N VAL A 174 -8.99 -2.54 -12.03
CA VAL A 174 -9.17 -3.85 -12.64
C VAL A 174 -10.44 -4.48 -12.11
N ASN A 175 -11.29 -4.92 -13.05
CA ASN A 175 -12.57 -5.54 -12.73
C ASN A 175 -12.67 -6.94 -13.29
N LEU A 176 -12.35 -7.92 -12.47
CA LEU A 176 -12.54 -9.29 -12.87
C LEU A 176 -14.02 -9.64 -12.84
N THR A 177 -14.48 -10.34 -13.87
CA THR A 177 -15.85 -10.80 -13.95
C THR A 177 -15.96 -12.23 -13.36
N ALA A 178 -16.92 -12.41 -12.46
CA ALA A 178 -17.19 -13.71 -11.83
C ALA A 178 -18.17 -14.55 -12.64
N TRP A 179 -17.66 -15.46 -13.45
CA TRP A 179 -18.48 -16.36 -14.27
C TRP A 179 -19.14 -17.47 -13.45
N GLN A 180 -18.40 -17.98 -12.46
CA GLN A 180 -18.92 -18.98 -11.55
C GLN A 180 -18.34 -18.74 -10.16
N GLN A 181 -19.17 -18.94 -9.13
CA GLN A 181 -18.69 -18.91 -7.76
C GLN A 181 -19.36 -20.02 -6.93
N PRO A 182 -18.61 -20.63 -5.98
CA PRO A 182 -19.22 -21.58 -5.04
C PRO A 182 -20.17 -20.85 -4.08
N GLY B 2 13.52 8.76 37.71
CA GLY B 2 13.69 10.19 37.28
C GLY B 2 12.39 10.83 36.79
N HIS B 3 12.51 11.97 36.11
CA HIS B 3 11.36 12.66 35.54
C HIS B 3 10.65 11.84 34.44
N ALA B 4 9.42 12.22 34.13
CA ALA B 4 8.54 11.52 33.17
C ALA B 4 7.30 12.38 32.86
N LEU B 5 6.77 12.23 31.66
CA LEU B 5 5.61 12.98 31.22
C LEU B 5 4.30 12.33 31.71
N LYS B 6 3.36 13.16 32.19
CA LYS B 6 1.97 12.70 32.41
C LYS B 6 1.30 12.75 31.05
N ALA B 7 0.86 11.59 30.56
CA ALA B 7 0.30 11.50 29.21
C ALA B 7 -0.46 10.21 28.97
N THR B 8 -1.27 10.19 27.92
CA THR B 8 -1.95 9.00 27.44
C THR B 8 -1.13 8.39 26.30
N ILE B 9 -0.99 7.07 26.33
CA ILE B 9 -0.13 6.39 25.36
C ILE B 9 -0.95 5.78 24.22
N TYR B 10 -0.54 6.05 22.98
CA TYR B 10 -1.18 5.48 21.80
C TYR B 10 -0.19 4.62 21.07
N LYS B 11 -0.63 3.45 20.61
CA LYS B 11 0.24 2.53 19.86
C LYS B 11 -0.26 2.39 18.43
N ALA B 12 0.64 2.42 17.48
CA ALA B 12 0.23 2.20 16.09
C ALA B 12 1.16 1.26 15.34
N THR B 13 0.57 0.19 14.85
CA THR B 13 1.22 -0.64 13.87
C THR B 13 0.88 0.01 12.55
N VAL B 14 1.90 0.35 11.80
CA VAL B 14 1.68 1.09 10.60
C VAL B 14 2.42 0.42 9.44
N ASN B 15 1.74 0.26 8.32
CA ASN B 15 2.40 -0.18 7.10
C ASN B 15 2.29 0.90 6.05
N VAL B 16 3.43 1.24 5.46
CA VAL B 16 3.48 2.33 4.50
C VAL B 16 3.95 1.81 3.16
N ALA B 17 3.13 2.03 2.14
CA ALA B 17 3.52 1.70 0.78
C ALA B 17 3.73 3.00 0.01
N ASP B 18 4.96 3.48 0.01
CA ASP B 18 5.29 4.73 -0.64
C ASP B 18 5.80 4.55 -2.07
N LEU B 19 4.93 4.80 -3.04
CA LEU B 19 5.29 4.66 -4.43
C LEU B 19 6.13 5.83 -4.96
N ASP B 20 5.96 7.02 -4.39
CA ASP B 20 6.78 8.18 -4.76
C ASP B 20 8.27 7.95 -4.45
N ARG B 21 8.57 7.36 -3.29
CA ARG B 21 9.95 7.19 -2.84
C ARG B 21 10.46 5.75 -2.97
N ASN B 22 9.66 4.90 -3.62
CA ASN B 22 9.95 3.46 -3.75
C ASN B 22 10.36 2.81 -2.42
N GLN B 23 9.53 2.98 -1.40
CA GLN B 23 9.84 2.49 -0.07
C GLN B 23 8.64 1.87 0.62
N PHE B 24 8.78 0.59 0.93
CA PHE B 24 7.78 -0.11 1.71
C PHE B 24 8.31 -0.34 3.12
N LEU B 25 7.52 0.00 4.14
CA LEU B 25 8.01 -0.04 5.50
C LEU B 25 6.93 -0.49 6.49
N ASP B 26 7.35 -1.25 7.51
CA ASP B 26 6.53 -1.59 8.68
C ASP B 26 7.14 -0.97 9.93
N ALA B 27 6.31 -0.39 10.78
CA ALA B 27 6.82 0.22 12.02
C ALA B 27 5.83 0.20 13.16
N SER B 28 6.35 0.09 14.38
CA SER B 28 5.55 0.16 15.58
C SER B 28 5.78 1.50 16.27
N LEU B 29 4.88 2.44 16.02
CA LEU B 29 4.97 3.73 16.63
C LEU B 29 4.32 3.76 18.02
N THR B 30 4.75 4.75 18.80
CA THR B 30 4.24 4.99 20.13
C THR B 30 4.14 6.49 20.24
N LEU B 31 2.95 6.99 20.59
CA LEU B 31 2.79 8.40 20.79
C LEU B 31 2.34 8.70 22.21
N ALA B 32 3.01 9.66 22.84
CA ALA B 32 2.63 10.12 24.16
C ALA B 32 1.89 11.40 23.94
N ARG B 33 0.66 11.45 24.42
CA ARG B 33 -0.14 12.66 24.25
C ARG B 33 -0.37 13.35 25.61
N HIS B 34 0.23 14.52 25.76
CA HIS B 34 0.06 15.33 26.96
C HIS B 34 -1.35 15.94 26.93
N PRO B 35 -1.94 16.22 28.11
CA PRO B 35 -3.29 16.83 28.11
C PRO B 35 -3.40 18.10 27.26
N SER B 36 -2.30 18.79 27.03
CA SER B 36 -2.30 20.01 26.24
C SER B 36 -2.47 19.79 24.74
N GLU B 37 -2.28 18.56 24.29
CA GLU B 37 -2.33 18.25 22.88
C GLU B 37 -3.72 17.78 22.47
N THR B 38 -4.30 18.43 21.47
CA THR B 38 -5.58 17.99 20.93
C THR B 38 -5.37 16.68 20.17
N GLN B 39 -6.45 15.91 20.05
CA GLN B 39 -6.41 14.69 19.28
C GLN B 39 -6.00 14.95 17.82
N GLU B 40 -6.47 16.05 17.25
CA GLU B 40 -6.12 16.44 15.88
C GLU B 40 -4.63 16.64 15.69
N ARG B 41 -3.98 17.31 16.63
CA ARG B 41 -2.56 17.58 16.49
C ARG B 41 -1.75 16.28 16.53
N MSE B 42 -2.11 15.39 17.44
CA MSE B 42 -1.47 14.09 17.50
C MSE B 42 -1.66 13.27 16.24
O MSE B 42 -0.72 12.62 15.78
CB MSE B 42 -1.95 13.30 18.71
CG MSE B 42 -1.22 12.00 18.85
SE MSE B 42 -2.26 10.71 19.86
CE MSE B 42 -3.77 10.38 18.65
N MSE B 43 -2.86 13.30 15.67
CA MSE B 43 -3.10 12.60 14.41
C MSE B 43 -2.35 13.25 13.24
O MSE B 43 -1.93 12.56 12.32
CB MSE B 43 -4.58 12.44 14.12
CG MSE B 43 -5.28 11.42 15.00
SE MSE B 43 -4.44 9.62 15.10
CE MSE B 43 -4.72 8.99 13.25
N LEU B 44 -2.14 14.56 13.32
CA LEU B 44 -1.34 15.24 12.30
C LEU B 44 0.16 14.84 12.35
N ARG B 45 0.70 14.74 13.57
CA ARG B 45 1.99 14.11 13.85
C ARG B 45 2.12 12.71 13.25
N LEU B 46 1.12 11.87 13.53
CA LEU B 46 1.12 10.54 12.99
C LEU B 46 1.14 10.60 11.46
N LEU B 47 0.28 11.40 10.87
CA LEU B 47 0.25 11.55 9.42
C LEU B 47 1.60 12.02 8.86
N ALA B 48 2.22 13.00 9.53
CA ALA B 48 3.50 13.54 9.11
C ALA B 48 4.55 12.43 9.19
N TRP B 49 4.49 11.62 10.25
CA TRP B 49 5.37 10.46 10.31
C TRP B 49 5.20 9.57 9.05
N LEU B 50 3.96 9.31 8.66
CA LEU B 50 3.70 8.52 7.44
C LEU B 50 4.36 9.14 6.18
N LYS B 51 4.15 10.44 5.98
CA LYS B 51 4.72 11.11 4.82
C LYS B 51 6.25 10.97 4.75
N TYR B 52 6.92 11.06 5.90
CA TYR B 52 8.38 11.00 5.92
C TYR B 52 8.89 9.72 6.58
N ALA B 53 8.09 8.66 6.49
CA ALA B 53 8.37 7.40 7.14
C ALA B 53 9.81 6.96 6.96
N ASP B 54 10.42 6.60 8.08
CA ASP B 54 11.78 6.07 8.13
C ASP B 54 11.97 5.33 9.45
N GLU B 55 12.70 4.22 9.39
CA GLU B 55 13.00 3.40 10.58
C GLU B 55 13.57 4.24 11.73
N ARG B 56 14.28 5.30 11.37
CA ARG B 56 15.01 6.15 12.31
C ARG B 56 14.29 7.45 12.68
N LEU B 57 13.13 7.71 12.06
CA LEU B 57 12.33 8.91 12.33
C LEU B 57 11.63 8.77 13.67
N GLN B 58 12.01 9.59 14.64
CA GLN B 58 11.52 9.44 16.01
C GLN B 58 10.75 10.64 16.49
N PHE B 59 9.62 10.41 17.14
CA PHE B 59 8.97 11.49 17.88
C PHE B 59 9.84 11.86 19.08
N THR B 60 9.55 13.02 19.64
CA THR B 60 10.29 13.53 20.77
C THR B 60 9.61 14.78 21.34
N ARG B 61 9.71 14.93 22.66
CA ARG B 61 9.26 16.14 23.34
C ARG B 61 10.23 16.44 24.48
N GLY B 62 10.66 17.70 24.56
CA GLY B 62 11.54 18.14 25.64
C GLY B 62 10.80 18.10 26.97
N LEU B 63 11.34 17.36 27.93
CA LEU B 63 10.80 17.33 29.29
C LEU B 63 11.23 18.57 30.06
N CYS B 64 12.55 18.74 30.14
CA CYS B 64 13.23 19.86 30.84
C CYS B 64 12.42 21.17 30.92
N ASP B 66 10.81 22.43 26.24
CA ASP B 66 9.85 22.32 25.14
C ASP B 66 10.61 22.21 23.82
N ASP B 67 11.25 23.31 23.41
CA ASP B 67 12.49 23.26 22.62
C ASP B 67 12.57 22.36 21.35
N GLU B 68 12.24 21.07 21.49
CA GLU B 68 12.50 20.07 20.45
C GLU B 68 11.47 20.12 19.30
N PRO B 69 11.79 19.48 18.15
CA PRO B 69 10.77 19.36 17.12
C PRO B 69 9.75 18.29 17.50
N GLU B 70 8.69 18.11 16.71
CA GLU B 70 7.75 17.05 17.01
C GLU B 70 8.39 15.68 16.74
N ALA B 71 9.12 15.58 15.63
CA ALA B 71 9.90 14.39 15.25
C ALA B 71 11.18 14.81 14.55
N TRP B 72 12.25 14.02 14.71
CA TRP B 72 13.49 14.24 13.96
C TRP B 72 14.16 12.97 13.46
N LEU B 73 15.03 13.11 12.46
CA LEU B 73 15.74 11.96 11.91
C LEU B 73 17.22 12.27 11.90
N ARG B 74 17.97 11.57 12.74
CA ARG B 74 19.38 11.84 12.88
C ARG B 74 20.25 10.94 12.00
N ASN B 75 21.31 11.50 11.47
CA ASN B 75 22.21 10.72 10.63
C ASN B 75 23.26 10.00 11.47
N ASP B 76 24.17 9.28 10.81
CA ASP B 76 25.21 8.52 11.50
C ASP B 76 26.23 9.40 12.21
N HIS B 77 26.32 10.68 11.82
CA HIS B 77 27.20 11.64 12.45
C HIS B 77 26.44 12.51 13.46
N LEU B 78 25.28 12.02 13.88
CA LEU B 78 24.50 12.64 14.95
C LEU B 78 23.90 13.99 14.58
N GLY B 79 23.93 14.33 13.30
CA GLY B 79 23.30 15.55 12.82
C GLY B 79 21.86 15.30 12.45
N ILE B 80 21.08 16.37 12.35
CA ILE B 80 19.68 16.25 12.04
C ILE B 80 19.50 16.37 10.54
N ASP B 81 19.00 15.31 9.92
CA ASP B 81 18.67 15.30 8.50
C ASP B 81 17.29 15.88 8.27
N LEU B 82 16.36 15.58 9.17
CA LEU B 82 14.99 16.04 9.05
C LEU B 82 14.41 16.48 10.39
N TRP B 83 13.79 17.66 10.36
CA TRP B 83 13.15 18.28 11.50
C TRP B 83 11.69 18.46 11.09
N ILE B 84 10.78 17.85 11.85
CA ILE B 84 9.36 17.99 11.55
C ILE B 84 8.73 18.90 12.60
N GLU B 85 8.12 19.98 12.13
CA GLU B 85 7.51 20.97 13.00
C GLU B 85 6.01 21.04 12.70
N LEU B 86 5.21 21.27 13.74
CA LEU B 86 3.77 21.49 13.57
C LEU B 86 3.33 22.85 14.11
N GLY B 87 2.32 23.45 13.49
CA GLY B 87 1.77 24.68 14.01
C GLY B 87 2.16 25.89 13.20
N LEU B 88 2.17 27.05 13.85
CA LEU B 88 2.36 28.33 13.16
C LEU B 88 3.44 29.12 13.87
N PRO B 89 4.71 28.69 13.72
CA PRO B 89 5.84 29.24 14.44
C PRO B 89 6.26 30.61 13.93
N ASP B 90 6.84 31.43 14.81
CA ASP B 90 7.40 32.72 14.42
C ASP B 90 8.79 32.61 13.76
N GLU B 91 9.36 33.75 13.35
CA GLU B 91 10.66 33.84 12.67
C GLU B 91 11.81 33.14 13.41
N ARG B 92 11.93 33.38 14.70
CA ARG B 92 13.02 32.79 15.47
C ARG B 92 12.92 31.27 15.58
N ARG B 93 11.70 30.78 15.76
CA ARG B 93 11.48 29.35 15.86
C ARG B 93 11.82 28.61 14.55
N ILE B 94 11.29 29.15 13.43
CA ILE B 94 11.57 28.64 12.10
C ILE B 94 13.07 28.70 11.81
N LYS B 95 13.69 29.82 12.17
CA LYS B 95 15.12 30.01 11.94
C LYS B 95 15.94 28.96 12.69
N LYS B 96 15.52 28.68 13.91
CA LYS B 96 16.19 27.70 14.74
C LYS B 96 16.14 26.33 14.09
N ALA B 97 14.96 25.95 13.58
CA ALA B 97 14.77 24.66 12.92
C ALA B 97 15.59 24.53 11.63
N CYS B 98 15.45 25.52 10.73
CA CYS B 98 16.13 25.48 9.44
C CYS B 98 17.66 25.55 9.52
N THR B 99 18.19 26.24 10.53
CA THR B 99 19.64 26.34 10.70
C THR B 99 20.21 25.10 11.37
N GLN B 100 19.39 24.36 12.11
CA GLN B 100 19.90 23.16 12.78
C GLN B 100 19.74 21.88 11.99
N ALA B 101 18.92 21.87 10.94
CA ALA B 101 18.56 20.66 10.22
C ALA B 101 18.83 20.74 8.71
N ALA B 102 19.20 19.62 8.09
CA ALA B 102 19.41 19.59 6.64
C ALA B 102 18.11 20.00 5.94
N GLU B 103 17.01 19.51 6.46
CA GLU B 103 15.73 19.67 5.81
C GLU B 103 14.67 19.85 6.91
N VAL B 104 13.76 20.80 6.72
CA VAL B 104 12.65 21.04 7.65
C VAL B 104 11.28 20.83 6.98
N ALA B 105 10.40 20.09 7.64
CA ALA B 105 9.05 19.92 7.15
C ALA B 105 8.09 20.47 8.19
N LEU B 106 7.34 21.51 7.82
CA LEU B 106 6.40 22.17 8.71
C LEU B 106 4.97 21.84 8.29
N PHE B 107 4.17 21.38 9.25
CA PHE B 107 2.79 21.06 9.00
C PHE B 107 1.90 22.08 9.69
N THR B 108 1.31 22.97 8.88
CA THR B 108 0.41 24.02 9.36
C THR B 108 -1.01 23.53 9.30
N TYR B 109 -1.84 24.00 10.22
CA TYR B 109 -3.24 23.59 10.27
C TYR B 109 -4.06 24.71 10.90
N ASN B 110 -5.37 24.53 10.99
CA ASN B 110 -6.34 25.56 11.46
C ASN B 110 -6.55 26.73 10.49
N SER B 111 -7.54 26.58 9.61
CA SER B 111 -7.86 27.60 8.57
C SER B 111 -7.74 29.04 9.04
N ARG B 112 -8.60 29.45 9.97
CA ARG B 112 -8.64 30.84 10.45
C ARG B 112 -7.24 31.40 10.71
N ALA B 113 -6.51 30.75 11.62
CA ALA B 113 -5.20 31.24 12.04
C ALA B 113 -4.12 31.13 10.97
N ALA B 114 -4.17 30.08 10.14
CA ALA B 114 -3.10 29.82 9.17
C ALA B 114 -3.07 30.76 7.96
N GLN B 115 -4.23 31.18 7.48
CA GLN B 115 -4.31 32.14 6.37
C GLN B 115 -3.65 33.48 6.74
N ILE B 116 -4.00 33.96 7.93
CA ILE B 116 -3.39 35.17 8.50
C ILE B 116 -1.87 34.99 8.59
N TRP B 117 -1.47 33.87 9.19
CA TRP B 117 -0.08 33.54 9.42
C TRP B 117 0.73 33.56 8.12
N TRP B 118 0.22 32.88 7.09
CA TRP B 118 0.89 32.76 5.80
C TRP B 118 0.93 34.08 5.04
N GLN B 119 -0.08 34.93 5.24
CA GLN B 119 -0.12 36.25 4.63
C GLN B 119 0.97 37.15 5.20
N GLN B 120 1.25 36.98 6.50
CA GLN B 120 2.29 37.76 7.18
C GLN B 120 3.64 37.04 7.25
N ASN B 121 3.77 35.91 6.56
CA ASN B 121 5.02 35.11 6.62
C ASN B 121 5.51 34.43 5.34
N GLN B 122 4.67 34.39 4.31
CA GLN B 122 5.06 33.76 3.03
C GLN B 122 6.42 34.26 2.53
N SER B 123 6.58 35.58 2.54
CA SER B 123 7.79 36.23 2.03
C SER B 123 9.01 36.07 2.95
N LYS B 124 8.82 35.45 4.11
CA LYS B 124 9.89 35.29 5.10
C LYS B 124 10.33 33.83 5.24
N CYS B 125 9.37 32.91 5.07
CA CYS B 125 9.67 31.48 4.95
C CYS B 125 10.43 31.20 3.65
N VAL B 126 10.12 31.92 2.58
CA VAL B 126 10.76 31.74 1.27
C VAL B 126 12.28 31.95 1.35
N GLN B 127 12.73 32.60 2.42
CA GLN B 127 14.13 32.89 2.66
C GLN B 127 14.90 31.67 3.17
N PHE B 128 14.17 30.67 3.64
CA PHE B 128 14.82 29.44 4.08
C PHE B 128 14.77 28.41 2.96
N ALA B 129 15.93 28.13 2.38
CA ALA B 129 16.03 27.26 1.22
C ALA B 129 15.85 25.75 1.52
N ASN B 130 15.63 25.39 2.78
CA ASN B 130 15.50 23.98 3.15
C ASN B 130 14.17 23.71 3.85
N LEU B 131 13.23 24.63 3.67
CA LEU B 131 11.95 24.59 4.32
C LEU B 131 10.84 24.11 3.39
N SER B 132 10.04 23.17 3.88
CA SER B 132 8.82 22.74 3.21
C SER B 132 7.66 22.98 4.13
N VAL B 133 6.64 23.63 3.59
CA VAL B 133 5.42 23.93 4.34
C VAL B 133 4.24 23.20 3.72
N TRP B 134 3.60 22.35 4.54
CA TRP B 134 2.42 21.60 4.15
C TRP B 134 1.21 22.07 4.97
N TYR B 135 0.08 22.25 4.30
CA TYR B 135 -1.15 22.65 4.99
C TYR B 135 -2.17 21.53 4.83
N LEU B 136 -2.99 21.33 5.86
CA LEU B 136 -4.11 20.43 5.81
C LEU B 136 -5.32 21.21 6.29
N ASP B 137 -6.40 21.21 5.51
CA ASP B 137 -7.56 22.04 5.81
C ASP B 137 -8.40 21.41 6.92
N ASP B 138 -9.29 22.22 7.50
CA ASP B 138 -10.05 21.83 8.70
C ASP B 138 -10.87 20.56 8.47
N GLU B 139 -11.51 20.46 7.31
CA GLU B 139 -12.31 19.29 6.95
C GLU B 139 -11.46 18.03 6.98
N GLN B 140 -10.39 18.01 6.20
CA GLN B 140 -9.54 16.82 6.08
C GLN B 140 -8.96 16.42 7.43
N LEU B 141 -8.56 17.43 8.21
CA LEU B 141 -7.95 17.22 9.51
C LEU B 141 -8.88 16.45 10.45
N ALA B 142 -10.15 16.86 10.47
CA ALA B 142 -11.15 16.22 11.31
C ALA B 142 -11.35 14.76 10.90
N LYS B 143 -11.33 14.49 9.61
CA LYS B 143 -11.51 13.14 9.10
C LYS B 143 -10.28 12.29 9.41
N VAL B 144 -9.09 12.88 9.33
CA VAL B 144 -7.86 12.18 9.76
C VAL B 144 -7.90 11.88 11.26
N SER B 145 -8.36 12.86 12.04
CA SER B 145 -8.54 12.72 13.47
C SER B 145 -9.42 11.55 13.89
N ALA B 146 -10.37 11.20 13.02
CA ALA B 146 -11.35 10.15 13.32
C ALA B 146 -10.71 8.76 13.44
N PHE B 147 -9.51 8.59 12.88
CA PHE B 147 -8.81 7.29 12.93
C PHE B 147 -8.21 6.96 14.30
N ALA B 148 -8.26 7.94 15.22
CA ALA B 148 -7.64 7.80 16.53
C ALA B 148 -8.24 6.70 17.39
N ASP B 149 -7.37 5.83 17.88
CA ASP B 149 -7.70 4.83 18.89
C ASP B 149 -6.42 4.62 19.70
N ARG B 150 -6.58 4.14 20.92
CA ARG B 150 -5.43 3.94 21.77
C ARG B 150 -4.52 2.87 21.21
N THR B 151 -5.11 1.97 20.43
CA THR B 151 -4.36 0.93 19.74
C THR B 151 -4.79 0.84 18.27
N MSE B 152 -3.91 1.24 17.35
CA MSE B 152 -4.26 1.45 15.94
C MSE B 152 -3.51 0.55 14.95
O MSE B 152 -2.32 0.27 15.11
CB MSE B 152 -3.99 2.90 15.52
CG MSE B 152 -4.94 3.93 16.09
SE MSE B 152 -4.21 5.74 15.80
CE MSE B 152 -2.86 5.86 17.24
N THR B 153 -4.21 0.13 13.90
CA THR B 153 -3.58 -0.61 12.82
C THR B 153 -3.86 0.15 11.54
N LEU B 154 -2.81 0.69 10.95
CA LEU B 154 -2.97 1.55 9.80
C LEU B 154 -2.22 1.09 8.57
N GLN B 155 -2.87 1.28 7.43
CA GLN B 155 -2.25 1.11 6.12
C GLN B 155 -2.23 2.46 5.41
N ALA B 156 -1.10 2.81 4.79
CA ALA B 156 -0.99 4.03 3.97
C ALA B 156 -0.28 3.80 2.63
N THR B 157 -0.93 4.24 1.56
CA THR B 157 -0.32 4.21 0.24
C THR B 157 -0.06 5.63 -0.20
N ILE B 158 1.14 5.89 -0.71
CA ILE B 158 1.48 7.23 -1.18
C ILE B 158 1.83 7.19 -2.66
N GLN B 159 1.15 8.02 -3.43
CA GLN B 159 1.44 8.23 -4.85
C GLN B 159 0.96 9.62 -5.21
N ASP B 160 1.84 10.39 -5.86
CA ASP B 160 1.55 11.76 -6.29
C ASP B 160 1.28 12.68 -5.12
N GLY B 161 1.93 12.42 -4.00
CA GLY B 161 1.73 13.22 -2.79
C GLY B 161 0.40 12.96 -2.09
N VAL B 162 -0.48 12.20 -2.75
CA VAL B 162 -1.72 11.76 -2.12
C VAL B 162 -1.45 10.58 -1.19
N ILE B 163 -2.12 10.57 -0.04
CA ILE B 163 -2.00 9.50 0.94
C ILE B 163 -3.34 8.81 1.10
N TRP B 164 -3.43 7.57 0.63
CA TRP B 164 -4.60 6.74 0.93
C TRP B 164 -4.38 6.08 2.28
N LEU B 165 -5.17 6.50 3.26
CA LEU B 165 -5.08 6.04 4.63
C LEU B 165 -6.25 5.11 4.91
N SER B 166 -5.97 3.95 5.51
CA SER B 166 -7.04 3.03 5.90
C SER B 166 -6.71 2.19 7.13
N ASP B 167 -7.76 1.68 7.77
CA ASP B 167 -7.65 0.68 8.83
C ASP B 167 -8.65 -0.45 8.54
N ASP B 168 -9.23 -1.06 9.58
CA ASP B 168 -10.24 -2.12 9.37
C ASP B 168 -11.69 -1.63 9.16
N LYS B 169 -12.02 -0.43 9.63
CA LYS B 169 -13.33 0.17 9.36
C LYS B 169 -13.28 0.95 8.04
N ASN B 170 -12.39 1.94 7.99
CA ASN B 170 -12.48 3.00 7.00
C ASN B 170 -11.30 3.17 6.05
N ASN B 171 -11.52 3.99 5.04
CA ASN B 171 -10.56 4.27 3.99
C ASN B 171 -10.71 5.74 3.61
N LEU B 172 -9.60 6.48 3.56
CA LEU B 172 -9.64 7.94 3.37
C LEU B 172 -8.49 8.51 2.55
N GLU B 173 -8.84 9.36 1.60
CA GLU B 173 -7.88 10.04 0.74
C GLU B 173 -7.45 11.35 1.37
N VAL B 174 -6.14 11.53 1.54
CA VAL B 174 -5.63 12.75 2.17
C VAL B 174 -4.82 13.55 1.18
N ASN B 175 -5.13 14.83 1.09
CA ASN B 175 -4.43 15.72 0.19
C ASN B 175 -3.81 16.91 0.91
N LEU B 176 -2.54 16.78 1.29
CA LEU B 176 -1.81 17.90 1.84
C LEU B 176 -1.53 18.94 0.75
N THR B 177 -1.70 20.20 1.09
CA THR B 177 -1.38 21.28 0.17
C THR B 177 0.06 21.71 0.40
N ALA B 178 0.81 21.85 -0.69
CA ALA B 178 2.19 22.31 -0.64
C ALA B 178 2.23 23.83 -0.79
N TRP B 179 2.31 24.54 0.34
CA TRP B 179 2.48 25.99 0.30
C TRP B 179 3.88 26.43 -0.15
N GLN B 180 4.87 25.62 0.19
CA GLN B 180 6.27 25.89 -0.11
C GLN B 180 7.08 24.59 -0.16
N GLN B 181 7.97 24.50 -1.15
CA GLN B 181 8.95 23.41 -1.26
C GLN B 181 10.30 23.99 -1.67
N PRO B 182 11.41 23.43 -1.12
CA PRO B 182 12.78 23.92 -1.36
C PRO B 182 13.15 24.05 -2.85
S SO4 C . -4.19 -27.23 8.34
O1 SO4 C . -4.04 -27.45 9.78
O2 SO4 C . -3.44 -26.03 7.94
O3 SO4 C . -3.71 -28.42 7.64
O4 SO4 C . -5.62 -27.09 8.03
S SO4 D . 25.79 10.08 7.41
O1 SO4 D . 26.00 11.05 8.49
O2 SO4 D . 25.56 10.83 6.19
O3 SO4 D . 26.98 9.26 7.22
O4 SO4 D . 24.63 9.20 7.71
CL CL E . 11.10 -1.44 -1.53
#